data_4UEE
#
_entry.id   4UEE
#
_cell.length_a   46.298
_cell.length_b   83.983
_cell.length_c   157.096
_cell.angle_alpha   90.00
_cell.angle_beta   90.00
_cell.angle_gamma   90.00
#
_symmetry.space_group_name_H-M   'P 21 21 21'
#
loop_
_entity.id
_entity.type
_entity.pdbx_description
1 polymer 'CARBOXYPEPTIDASE A1'
2 non-polymer '(2S)-2-{[(R)-{(1R)-1-[(N-acetyl-L-leucyl)amino]ethyl}(hydroxy)phosphoryl]methyl}-4-phenylbutanoic acid'
3 non-polymer 'ZINC ION'
4 water water
#
_entity_poly.entity_id   1
_entity_poly.type   'polypeptide(L)'
_entity_poly.pdbx_seq_one_letter_code
;ARSTDTFNYATYHTLEEIYDFLDLLVAENPHLVSKIQIGNTYEGRPIYVLKFSTGGSKRPAIWIDTGIHSREWVTQASGV
WFAKKITQDYGQDAAFTAILDTLDIFLEIVTNPDGFAFTHSTNRMWRKTRSHTAGSLCIGVDPNRNWDAGFGLSGASSNP
CSETYHGKFANSEVEVKSIVDFVKDHGNIKAFISIHSYSQLLMYPYGYKTEPVPDQDELDQLSKAAVTALASLYGTKFNY
GSIIKAIYQASGSTIDWTYSQGIKYSFTFELRDTGRYGFLLPASQIIPTAKETWLALLTIMEHTLNHPY
;
_entity_poly.pdbx_strand_id   A,B
#
loop_
_chem_comp.id
_chem_comp.type
_chem_comp.name
_chem_comp.formula
LA9 non-polymer '(2S)-2-{[(R)-{(1R)-1-[(N-acetyl-L-leucyl)amino]ethyl}(hydroxy)phosphoryl]methyl}-4-phenylbutanoic acid' 'C21 H33 N2 O6 P'
ZN non-polymer 'ZINC ION' 'Zn 2'
#
# COMPACT_ATOMS: atom_id res chain seq x y z
N ARG A 2 27.93 -5.75 22.68
CA ARG A 2 27.46 -4.36 22.28
C ARG A 2 27.12 -3.44 23.47
N SER A 3 27.24 -2.12 23.24
CA SER A 3 26.68 -1.10 24.13
C SER A 3 25.93 -0.14 23.24
N THR A 4 25.24 0.82 23.83
CA THR A 4 24.52 1.79 23.02
C THR A 4 25.47 2.70 22.26
N ASP A 5 26.72 2.85 22.73
CA ASP A 5 27.75 3.63 22.04
C ASP A 5 28.31 2.88 20.83
N THR A 6 28.21 1.53 20.80
CA THR A 6 28.79 0.75 19.68
C THR A 6 27.72 0.19 18.71
N PHE A 7 26.49 0.56 18.96
CA PHE A 7 25.35 0.11 18.23
C PHE A 7 25.31 0.88 16.90
N ASN A 8 24.93 0.17 15.82
CA ASN A 8 24.78 0.77 14.50
C ASN A 8 23.39 1.39 14.31
N TYR A 9 23.31 2.72 14.37
CA TYR A 9 22.03 3.44 14.26
C TYR A 9 21.60 3.71 12.84
N ALA A 10 22.50 3.45 11.88
CA ALA A 10 22.25 3.70 10.45
C ALA A 10 21.95 2.42 9.74
N THR A 11 21.27 1.51 10.43
CA THR A 11 20.92 0.24 9.85
C THR A 11 19.53 -0.13 10.41
N TYR A 12 18.73 -0.87 9.65
CA TYR A 12 17.49 -1.44 10.19
C TYR A 12 17.75 -2.70 10.96
N HIS A 13 17.08 -2.80 12.11
CA HIS A 13 17.25 -3.89 13.04
C HIS A 13 16.07 -4.85 13.18
N THR A 14 16.36 -6.02 13.77
CA THR A 14 15.31 -7.01 14.06
C THR A 14 14.61 -6.74 15.38
N LEU A 15 13.49 -7.42 15.57
CA LEU A 15 12.80 -7.29 16.83
C LEU A 15 13.76 -7.63 18.01
N GLU A 16 14.32 -8.84 18.03
CA GLU A 16 15.29 -9.23 19.05
C GLU A 16 16.42 -8.17 19.32
N GLU A 17 16.92 -7.52 18.26
CA GLU A 17 17.96 -6.46 18.37
C GLU A 17 17.45 -5.19 19.04
N ILE A 18 16.28 -4.72 18.63
CA ILE A 18 15.70 -3.57 19.30
C ILE A 18 15.44 -3.90 20.80
N TYR A 19 14.83 -5.06 21.08
CA TYR A 19 14.63 -5.53 22.47
C TYR A 19 15.92 -5.62 23.28
N ASP A 20 17.00 -6.07 22.67
CA ASP A 20 18.27 -6.06 23.42
C ASP A 20 18.76 -4.63 23.61
N PHE A 21 18.53 -3.78 22.62
CA PHE A 21 18.87 -2.38 22.75
C PHE A 21 18.20 -1.72 23.95
N LEU A 22 16.90 -1.94 24.11
CA LEU A 22 16.22 -1.49 25.32
C LEU A 22 16.94 -1.88 26.62
N ASP A 23 17.40 -3.12 26.72
CA ASP A 23 18.09 -3.60 27.94
C ASP A 23 19.44 -2.96 28.17
N LEU A 24 20.15 -2.66 27.08
CA LEU A 24 21.43 -1.93 27.16
C LEU A 24 21.19 -0.50 27.64
N LEU A 25 20.17 0.14 27.10
CA LEU A 25 19.81 1.46 27.55
C LEU A 25 19.49 1.53 29.04
N VAL A 26 18.81 0.51 29.55
CA VAL A 26 18.48 0.52 30.94
C VAL A 26 19.73 0.29 31.78
N ALA A 27 20.52 -0.75 31.47
CA ALA A 27 21.68 -1.09 32.24
C ALA A 27 22.71 0.06 32.26
N GLU A 28 22.72 0.88 31.21
CA GLU A 28 23.72 1.95 31.12
C GLU A 28 23.28 3.23 31.78
N ASN A 29 21.98 3.35 32.09
CA ASN A 29 21.47 4.57 32.71
C ASN A 29 20.51 4.23 33.83
N PRO A 30 21.01 3.65 34.91
CA PRO A 30 20.07 3.03 35.83
C PRO A 30 19.22 4.05 36.60
N HIS A 31 19.67 5.31 36.65
CA HIS A 31 18.93 6.39 37.32
C HIS A 31 18.19 7.35 36.35
N LEU A 32 18.14 6.93 35.09
CA LEU A 32 17.48 7.69 34.02
C LEU A 32 16.44 6.90 33.24
N VAL A 33 16.75 5.67 32.91
CA VAL A 33 15.89 4.93 32.00
C VAL A 33 15.33 3.66 32.64
N SER A 34 14.04 3.41 32.41
CA SER A 34 13.45 2.13 32.82
C SER A 34 12.58 1.60 31.69
N LYS A 35 12.25 0.31 31.76
CA LYS A 35 11.53 -0.32 30.71
C LYS A 35 10.29 -0.89 31.39
N ILE A 36 9.13 -0.55 30.89
CA ILE A 36 7.88 -0.99 31.44
C ILE A 36 7.21 -1.98 30.47
N GLN A 37 6.74 -3.11 30.97
CA GLN A 37 5.94 -3.94 30.09
C GLN A 37 4.48 -3.52 30.21
N ILE A 38 3.87 -3.06 29.09
CA ILE A 38 2.46 -2.66 29.14
C ILE A 38 1.39 -3.66 28.71
N GLY A 39 1.82 -4.79 28.11
CA GLY A 39 0.97 -5.91 27.71
C GLY A 39 1.76 -7.05 27.02
N ASN A 40 1.05 -7.93 26.34
CA ASN A 40 1.65 -8.90 25.43
C ASN A 40 0.85 -8.86 24.15
N THR A 41 1.49 -9.18 23.02
CA THR A 41 0.81 -9.10 21.73
C THR A 41 -0.18 -10.26 21.59
N TYR A 42 -0.93 -10.30 20.48
CA TYR A 42 -1.84 -11.40 20.19
C TYR A 42 -1.08 -12.73 20.21
N GLU A 43 0.15 -12.69 19.74
CA GLU A 43 0.96 -13.87 19.59
C GLU A 43 1.79 -14.21 20.85
N GLY A 44 1.71 -13.37 21.89
CA GLY A 44 2.40 -13.60 23.16
C GLY A 44 3.70 -12.80 23.41
N ARG A 45 4.22 -12.11 22.41
CA ARG A 45 5.37 -11.23 22.61
C ARG A 45 5.13 -10.01 23.61
N PRO A 46 6.13 -9.68 24.42
CA PRO A 46 5.99 -8.53 25.34
C PRO A 46 5.97 -7.22 24.62
N ILE A 47 5.13 -6.29 25.11
CA ILE A 47 5.09 -4.92 24.64
C ILE A 47 5.73 -3.99 25.70
N TYR A 48 6.75 -3.26 25.28
CA TYR A 48 7.62 -2.53 26.21
C TYR A 48 7.63 -1.04 25.92
N VAL A 49 7.46 -0.25 26.97
CA VAL A 49 7.65 1.22 26.89
C VAL A 49 8.86 1.64 27.72
N LEU A 50 9.74 2.46 27.14
CA LEU A 50 10.80 3.12 27.90
C LEU A 50 10.29 4.38 28.58
N LYS A 51 10.68 4.52 29.85
CA LYS A 51 10.43 5.73 30.62
C LYS A 51 11.76 6.43 30.83
N PHE A 52 11.82 7.71 30.45
CA PHE A 52 12.96 8.59 30.72
C PHE A 52 12.48 9.56 31.76
N SER A 53 13.10 9.54 32.94
CA SER A 53 12.66 10.35 34.09
C SER A 53 13.84 10.71 34.95
N THR A 54 13.83 11.92 35.50
CA THR A 54 14.88 12.36 36.39
C THR A 54 14.32 12.48 37.76
N GLY A 55 13.14 11.94 37.98
CA GLY A 55 12.62 11.82 39.34
C GLY A 55 11.11 12.02 39.40
N GLY A 56 10.65 12.28 40.64
CA GLY A 56 9.26 12.41 40.99
C GLY A 56 8.41 11.15 40.97
N SER A 57 7.11 11.38 41.03
CA SER A 57 6.11 10.31 41.00
C SER A 57 5.03 10.75 39.95
N LYS A 58 5.03 10.09 38.79
CA LYS A 58 4.08 10.44 37.68
C LYS A 58 3.99 11.96 37.39
N ARG A 59 5.16 12.52 37.11
CA ARG A 59 5.31 13.81 36.50
C ARG A 59 4.52 13.95 35.20
N PRO A 60 4.18 15.20 34.84
CA PRO A 60 3.55 15.46 33.55
C PRO A 60 4.45 14.90 32.46
N ALA A 61 3.88 14.40 31.38
CA ALA A 61 4.68 13.57 30.48
C ALA A 61 4.37 13.67 28.99
N ILE A 62 5.38 13.31 28.17
CA ILE A 62 5.29 13.13 26.73
C ILE A 62 5.30 11.64 26.42
N TRP A 63 4.40 11.25 25.54
CA TRP A 63 4.34 9.91 25.01
C TRP A 63 4.67 9.97 23.52
N ILE A 64 5.57 9.08 23.11
CA ILE A 64 5.93 8.93 21.74
C ILE A 64 5.93 7.48 21.32
N ASP A 65 5.22 7.16 20.25
CA ASP A 65 5.25 5.79 19.79
C ASP A 65 5.65 5.77 18.34
N THR A 66 6.41 4.75 17.96
CA THR A 66 6.73 4.51 16.57
C THR A 66 6.36 3.03 16.25
N GLY A 67 6.21 2.74 14.96
CA GLY A 67 6.07 1.37 14.51
C GLY A 67 4.67 0.82 14.68
N ILE A 68 3.67 1.70 14.91
CA ILE A 68 2.33 1.16 14.97
C ILE A 68 1.93 0.42 13.66
N HIS A 69 2.41 0.86 12.51
CA HIS A 69 2.16 0.09 11.29
C HIS A 69 3.52 -0.51 11.01
N SER A 70 3.67 -1.83 11.09
CA SER A 70 5.01 -2.44 11.21
C SER A 70 5.95 -2.18 10.05
N ARG A 71 5.40 -2.10 8.84
CA ARG A 71 6.24 -1.89 7.64
C ARG A 71 6.89 -0.52 7.62
N GLU A 72 6.50 0.37 8.53
CA GLU A 72 7.04 1.70 8.46
C GLU A 72 8.38 1.74 9.18
N TRP A 73 9.40 1.15 8.54
CA TRP A 73 10.66 0.86 9.24
C TRP A 73 11.48 2.08 9.73
N VAL A 74 11.36 3.21 9.02
CA VAL A 74 12.17 4.35 9.40
C VAL A 74 11.70 4.83 10.77
N THR A 75 10.47 4.50 11.15
CA THR A 75 9.95 4.95 12.44
C THR A 75 10.58 4.17 13.58
N GLN A 76 10.57 2.84 13.57
CA GLN A 76 11.25 2.16 14.71
C GLN A 76 12.73 2.55 14.74
N ALA A 77 13.33 2.75 13.56
CA ALA A 77 14.77 3.09 13.50
C ALA A 77 15.00 4.45 14.19
N SER A 78 14.10 5.39 13.94
CA SER A 78 14.22 6.71 14.49
C SER A 78 14.00 6.63 15.97
N GLY A 79 13.10 5.73 16.37
CA GLY A 79 12.79 5.51 17.76
C GLY A 79 14.05 5.09 18.53
N VAL A 80 14.82 4.17 17.97
CA VAL A 80 16.12 3.79 18.57
C VAL A 80 17.11 4.96 18.72
N TRP A 81 17.20 5.74 17.66
CA TRP A 81 18.04 6.93 17.64
C TRP A 81 17.57 7.90 18.72
N PHE A 82 16.24 8.05 18.85
CA PHE A 82 15.70 9.01 19.80
C PHE A 82 16.11 8.63 21.20
N ALA A 83 16.01 7.35 21.53
CA ALA A 83 16.43 6.84 22.85
C ALA A 83 17.85 7.22 23.14
N LYS A 84 18.72 7.10 22.15
CA LYS A 84 20.15 7.32 22.43
C LYS A 84 20.40 8.81 22.45
N LYS A 85 19.57 9.60 21.73
CA LYS A 85 19.70 11.05 21.73
C LYS A 85 19.36 11.62 23.11
N ILE A 86 18.30 11.10 23.71
CA ILE A 86 17.91 11.49 25.03
C ILE A 86 19.02 11.27 26.07
N THR A 87 19.62 10.08 26.10
CA THR A 87 20.62 9.77 27.11
C THR A 87 21.94 10.54 26.91
N GLN A 88 22.29 10.83 25.65
CA GLN A 88 23.50 11.59 25.34
C GLN A 88 23.29 13.01 25.72
N ASP A 89 22.12 13.52 25.34
CA ASP A 89 21.78 14.94 25.52
C ASP A 89 21.43 15.39 26.93
N TYR A 90 20.93 14.49 27.77
CA TYR A 90 20.60 14.88 29.13
C TYR A 90 21.83 15.22 29.99
N GLY A 91 21.76 16.36 30.68
CA GLY A 91 22.86 16.75 31.52
C GLY A 91 23.92 17.43 30.69
N GLN A 92 23.83 17.29 29.36
CA GLN A 92 24.74 17.99 28.42
C GLN A 92 24.12 19.21 27.72
N ASP A 93 22.92 19.06 27.17
CA ASP A 93 22.28 20.12 26.42
C ASP A 93 21.29 20.83 27.36
N ALA A 94 21.38 22.16 27.46
CA ALA A 94 20.68 22.94 28.49
C ALA A 94 19.17 22.94 28.29
N ALA A 95 18.76 23.26 27.05
CA ALA A 95 17.39 23.21 26.60
C ALA A 95 16.75 21.87 26.86
N PHE A 96 17.39 20.78 26.42
CA PHE A 96 16.87 19.46 26.68
C PHE A 96 16.89 19.02 28.15
N THR A 97 17.91 19.43 28.87
CA THR A 97 17.95 19.19 30.28
C THR A 97 16.78 19.86 30.96
N ALA A 98 16.37 21.04 30.51
CA ALA A 98 15.19 21.72 31.03
C ALA A 98 13.92 20.89 30.82
N ILE A 99 13.77 20.36 29.60
CA ILE A 99 12.62 19.50 29.29
C ILE A 99 12.50 18.33 30.28
N LEU A 100 13.57 17.56 30.47
CA LEU A 100 13.54 16.36 31.31
C LEU A 100 13.69 16.60 32.86
N ASP A 101 14.02 17.83 33.26
CA ASP A 101 13.95 18.21 34.69
C ASP A 101 12.52 18.39 35.19
N THR A 102 11.54 18.44 34.28
CA THR A 102 10.14 18.61 34.63
C THR A 102 9.26 17.49 34.09
N LEU A 103 9.47 17.10 32.83
CA LEU A 103 8.62 16.13 32.16
C LEU A 103 9.29 14.78 32.23
N ASP A 104 8.49 13.72 32.33
CA ASP A 104 8.93 12.37 31.92
C ASP A 104 8.77 12.21 30.41
N ILE A 105 9.51 11.28 29.79
CA ILE A 105 9.23 10.88 28.40
C ILE A 105 9.02 9.33 28.31
N PHE A 106 7.90 8.92 27.73
CA PHE A 106 7.67 7.51 27.41
C PHE A 106 7.83 7.34 25.91
N LEU A 107 8.54 6.27 25.58
CA LEU A 107 8.84 5.99 24.21
C LEU A 107 8.55 4.50 23.92
N GLU A 108 7.57 4.26 23.03
CA GLU A 108 7.26 2.92 22.57
C GLU A 108 7.86 2.74 21.18
N ILE A 109 8.96 1.99 21.12
CA ILE A 109 9.66 1.83 19.86
C ILE A 109 8.98 0.83 18.91
N VAL A 110 8.63 -0.37 19.41
CA VAL A 110 7.97 -1.35 18.60
C VAL A 110 6.53 -1.47 19.09
N THR A 111 5.65 -0.70 18.45
CA THR A 111 4.29 -0.56 18.95
C THR A 111 3.42 -1.65 18.36
N ASN A 112 3.92 -2.31 17.33
CA ASN A 112 3.20 -3.45 16.75
C ASN A 112 4.20 -4.61 16.54
N PRO A 113 4.53 -5.33 17.64
CA PRO A 113 5.63 -6.27 17.57
C PRO A 113 5.38 -7.49 16.71
N ASP A 114 4.16 -7.99 16.68
CA ASP A 114 3.89 -9.19 15.85
C ASP A 114 4.04 -8.83 14.37
N GLY A 115 3.50 -7.67 13.97
CA GLY A 115 3.71 -7.17 12.65
C GLY A 115 5.18 -6.97 12.32
N PHE A 116 5.92 -6.34 13.22
CA PHE A 116 7.33 -6.05 12.96
C PHE A 116 8.04 -7.37 12.63
N ALA A 117 7.90 -8.38 13.50
CA ALA A 117 8.51 -9.70 13.31
C ALA A 117 8.14 -10.32 11.96
N PHE A 118 6.86 -10.17 11.58
CA PHE A 118 6.33 -10.56 10.27
C PHE A 118 6.93 -9.78 9.07
N THR A 119 7.26 -8.50 9.27
CA THR A 119 7.94 -7.79 8.17
C THR A 119 9.33 -8.39 7.89
N HIS A 120 9.91 -9.01 8.90
CA HIS A 120 11.21 -9.66 8.76
C HIS A 120 11.08 -11.09 8.25
N SER A 121 10.12 -11.87 8.73
CA SER A 121 10.17 -13.31 8.39
C SER A 121 9.47 -13.61 7.07
N THR A 122 8.42 -12.86 6.75
CA THR A 122 7.48 -13.24 5.71
C THR A 122 7.09 -12.13 4.71
N ASN A 123 6.64 -10.98 5.20
CA ASN A 123 6.09 -9.96 4.28
C ASN A 123 6.51 -8.53 4.63
N ARG A 124 7.49 -8.00 3.92
CA ARG A 124 8.16 -6.70 4.27
C ARG A 124 7.15 -5.58 4.41
N MET A 125 6.00 -5.75 3.75
CA MET A 125 4.92 -4.73 3.71
C MET A 125 3.77 -4.96 4.68
N TRP A 126 3.93 -5.90 5.62
CA TRP A 126 2.87 -6.07 6.64
C TRP A 126 2.62 -4.78 7.44
N ARG A 127 1.35 -4.45 7.61
CA ARG A 127 0.87 -3.23 8.18
C ARG A 127 0.16 -3.50 9.50
N LYS A 128 -0.75 -4.48 9.46
CA LYS A 128 -1.74 -4.70 10.50
C LYS A 128 -1.20 -5.46 11.72
N THR A 129 -2.07 -5.75 12.70
CA THR A 129 -1.72 -6.67 13.81
C THR A 129 -1.72 -8.05 13.20
N ARG A 130 -1.58 -9.10 14.00
CA ARG A 130 -1.61 -10.48 13.49
C ARG A 130 -2.72 -11.32 14.16
N SER A 131 -3.73 -10.66 14.71
CA SER A 131 -4.89 -11.39 15.30
C SER A 131 -5.72 -12.15 14.24
N HIS A 132 -6.11 -13.39 14.57
CA HIS A 132 -6.94 -14.19 13.67
C HIS A 132 -8.37 -13.68 13.52
N THR A 133 -8.94 -13.88 12.31
CA THR A 133 -10.34 -13.48 11.99
C THR A 133 -11.19 -14.64 11.40
N ALA A 134 -12.07 -15.21 12.22
CA ALA A 134 -12.92 -16.35 11.81
C ALA A 134 -13.69 -16.13 10.49
N GLY A 135 -13.76 -17.17 9.66
CA GLY A 135 -14.47 -17.07 8.38
C GLY A 135 -13.74 -16.21 7.34
N SER A 136 -12.48 -15.89 7.61
CA SER A 136 -11.71 -15.10 6.68
C SER A 136 -10.37 -15.78 6.36
N LEU A 137 -9.88 -15.48 5.16
CA LEU A 137 -8.57 -15.93 4.64
C LEU A 137 -7.58 -14.82 4.96
N CYS A 138 -8.10 -13.86 5.72
CA CYS A 138 -7.34 -12.70 6.03
C CYS A 138 -7.06 -12.56 7.51
N ILE A 139 -5.92 -11.96 7.81
CA ILE A 139 -5.44 -11.88 9.20
C ILE A 139 -5.20 -10.44 9.55
N GLY A 140 -5.50 -10.10 10.82
CA GLY A 140 -5.04 -8.88 11.41
C GLY A 140 -5.98 -7.70 11.23
N VAL A 141 -5.80 -6.70 12.12
CA VAL A 141 -6.63 -5.52 12.24
C VAL A 141 -5.73 -4.28 12.11
N ASP A 142 -6.24 -3.22 11.46
CA ASP A 142 -5.50 -1.97 11.39
C ASP A 142 -5.44 -1.29 12.79
N PRO A 143 -4.25 -1.26 13.41
CA PRO A 143 -4.19 -0.68 14.76
C PRO A 143 -4.58 0.79 14.72
N ASN A 144 -4.44 1.42 13.55
CA ASN A 144 -4.83 2.81 13.46
C ASN A 144 -6.28 3.05 13.05
N ARG A 145 -7.13 2.02 13.17
CA ARG A 145 -8.58 2.13 12.99
C ARG A 145 -9.38 1.57 14.19
N ASN A 146 -8.67 1.23 15.27
CA ASN A 146 -9.22 0.40 16.35
C ASN A 146 -9.49 1.15 17.67
N TRP A 147 -9.20 2.45 17.66
CA TRP A 147 -9.44 3.33 18.80
C TRP A 147 -10.90 3.81 18.91
N ASP A 148 -11.32 4.07 20.13
CA ASP A 148 -12.67 4.49 20.41
C ASP A 148 -12.92 5.96 20.06
N ALA A 149 -12.74 6.33 18.80
CA ALA A 149 -13.00 7.72 18.42
C ALA A 149 -13.53 7.68 17.02
N GLY A 150 -14.83 7.88 16.90
CA GLY A 150 -15.56 7.67 15.67
C GLY A 150 -15.35 6.27 15.15
N PHE A 151 -15.21 5.30 16.06
CA PHE A 151 -14.87 3.95 15.64
C PHE A 151 -15.97 3.37 14.78
N GLY A 152 -15.61 2.76 13.68
CA GLY A 152 -16.56 2.12 12.80
C GLY A 152 -17.12 3.09 11.76
N LEU A 153 -16.81 4.40 11.90
CA LEU A 153 -17.47 5.36 11.03
C LEU A 153 -16.72 5.45 9.70
N SER A 154 -17.24 6.26 8.79
CA SER A 154 -16.62 6.50 7.49
C SER A 154 -15.11 6.80 7.71
N GLY A 155 -14.29 6.12 6.93
CA GLY A 155 -12.85 6.17 7.11
C GLY A 155 -12.16 4.94 7.67
N ALA A 156 -12.80 3.77 7.62
CA ALA A 156 -12.18 2.48 7.97
C ALA A 156 -12.99 1.42 7.31
N SER A 157 -12.53 0.17 7.33
CA SER A 157 -13.23 -0.87 6.59
C SER A 157 -13.79 -1.96 7.49
N SER A 158 -14.95 -2.50 7.12
CA SER A 158 -15.52 -3.65 7.84
C SER A 158 -15.04 -4.98 7.24
N ASN A 159 -14.21 -4.90 6.22
CA ASN A 159 -13.75 -6.06 5.46
C ASN A 159 -12.44 -6.57 6.07
N PRO A 160 -12.47 -7.78 6.64
CA PRO A 160 -11.26 -8.35 7.30
C PRO A 160 -10.03 -8.32 6.39
N CYS A 161 -10.25 -8.41 5.07
CA CYS A 161 -9.14 -8.46 4.12
C CYS A 161 -8.50 -7.11 3.83
N SER A 162 -9.17 -6.02 4.25
CA SER A 162 -8.75 -4.67 3.94
C SER A 162 -7.55 -4.26 4.77
N GLU A 163 -6.70 -3.38 4.23
CA GLU A 163 -5.58 -2.86 5.00
C GLU A 163 -6.09 -1.97 6.14
N THR A 164 -7.30 -1.42 6.00
CA THR A 164 -7.84 -0.55 7.03
C THR A 164 -9.00 -1.24 7.77
N TYR A 165 -8.94 -2.56 7.94
CA TYR A 165 -10.01 -3.22 8.68
C TYR A 165 -10.01 -2.74 10.14
N HIS A 166 -11.17 -2.30 10.64
CA HIS A 166 -11.28 -1.74 12.01
C HIS A 166 -11.37 -2.73 13.19
N GLY A 167 -11.59 -4.01 12.91
CA GLY A 167 -11.79 -5.00 13.96
C GLY A 167 -13.24 -5.08 14.41
N LYS A 168 -13.52 -6.00 15.33
CA LYS A 168 -14.89 -6.29 15.73
C LYS A 168 -15.51 -5.19 16.57
N PHE A 169 -14.67 -4.47 17.32
CA PHE A 169 -15.07 -3.36 18.21
C PHE A 169 -13.81 -2.59 18.63
N ALA A 170 -13.99 -1.35 19.09
CA ALA A 170 -12.84 -0.56 19.49
C ALA A 170 -12.03 -1.24 20.64
N ASN A 171 -10.70 -1.10 20.62
CA ASN A 171 -9.83 -1.72 21.59
C ASN A 171 -9.84 -3.25 21.53
N SER A 172 -10.45 -3.86 20.50
CA SER A 172 -10.31 -5.34 20.36
C SER A 172 -8.86 -5.81 20.30
N GLU A 173 -7.96 -4.98 19.76
CA GLU A 173 -6.54 -5.32 19.65
C GLU A 173 -5.79 -5.02 20.93
N VAL A 174 -5.26 -6.08 21.52
CA VAL A 174 -4.47 -5.93 22.74
C VAL A 174 -3.38 -4.87 22.57
N GLU A 175 -2.93 -4.61 21.33
CA GLU A 175 -1.79 -3.69 21.16
C GLU A 175 -2.26 -2.23 21.35
N VAL A 176 -3.55 -2.00 21.07
CA VAL A 176 -4.15 -0.70 21.25
C VAL A 176 -4.60 -0.53 22.69
N LYS A 177 -5.35 -1.50 23.24
CA LYS A 177 -5.89 -1.42 24.59
C LYS A 177 -4.76 -1.29 25.64
N SER A 178 -3.59 -1.92 25.44
CA SER A 178 -2.44 -1.74 26.35
C SER A 178 -2.02 -0.27 26.46
N ILE A 179 -2.12 0.44 25.35
CA ILE A 179 -1.74 1.84 25.36
C ILE A 179 -2.81 2.65 26.06
N VAL A 180 -4.06 2.39 25.69
CA VAL A 180 -5.22 2.96 26.34
C VAL A 180 -5.17 2.74 27.85
N ASP A 181 -4.84 1.54 28.30
CA ASP A 181 -4.87 1.27 29.72
C ASP A 181 -3.77 2.06 30.36
N PHE A 182 -2.57 2.00 29.77
CA PHE A 182 -1.43 2.71 30.34
C PHE A 182 -1.72 4.20 30.42
N VAL A 183 -2.27 4.79 29.36
CA VAL A 183 -2.55 6.21 29.34
C VAL A 183 -3.55 6.64 30.45
N LYS A 184 -4.70 5.96 30.52
CA LYS A 184 -5.76 6.26 31.50
C LYS A 184 -5.30 6.13 32.98
N ASP A 185 -4.54 5.07 33.25
CA ASP A 185 -3.92 4.88 34.56
C ASP A 185 -2.84 5.91 34.87
N HIS A 186 -2.08 6.31 33.85
CA HIS A 186 -1.03 7.28 34.14
C HIS A 186 -1.74 8.53 34.59
N GLY A 187 -2.63 9.04 33.76
CA GLY A 187 -3.41 10.22 34.11
C GLY A 187 -2.71 11.54 33.96
N ASN A 188 -1.43 11.56 33.63
CA ASN A 188 -0.72 12.84 33.56
C ASN A 188 0.04 13.05 32.25
N ILE A 189 -0.57 12.58 31.16
CA ILE A 189 0.14 12.64 29.90
C ILE A 189 -0.33 13.87 29.25
N LYS A 190 0.62 14.76 28.91
CA LYS A 190 0.31 16.13 28.45
C LYS A 190 0.44 16.26 26.93
N ALA A 191 1.23 15.34 26.34
CA ALA A 191 1.43 15.28 24.90
C ALA A 191 1.57 13.85 24.41
N PHE A 192 0.98 13.61 23.26
CA PHE A 192 0.96 12.27 22.70
C PHE A 192 1.32 12.34 21.23
N ILE A 193 2.41 11.68 20.86
CA ILE A 193 2.92 11.79 19.51
C ILE A 193 3.11 10.39 18.97
N SER A 194 2.45 10.16 17.85
CA SER A 194 2.43 8.88 17.19
C SER A 194 3.16 9.02 15.86
N ILE A 195 4.16 8.19 15.66
CA ILE A 195 5.02 8.41 14.54
C ILE A 195 4.85 7.31 13.50
N HIS A 196 4.56 7.76 12.27
CA HIS A 196 4.34 6.96 11.07
C HIS A 196 5.29 7.43 9.98
N SER A 197 5.40 6.64 8.90
CA SER A 197 5.90 7.10 7.61
C SER A 197 4.95 6.49 6.55
N TYR A 198 4.82 7.10 5.37
CA TYR A 198 5.63 8.24 4.91
C TYR A 198 4.66 9.25 4.31
N SER A 199 5.18 10.44 3.98
CA SER A 199 4.47 11.58 3.28
C SER A 199 5.02 12.95 3.68
N GLN A 200 5.77 13.02 4.80
CA GLN A 200 6.34 14.30 5.32
C GLN A 200 5.23 15.25 5.76
N LEU A 201 4.51 14.79 6.79
CA LEU A 201 3.38 15.52 7.37
C LEU A 201 3.45 15.58 8.90
N LEU A 202 3.01 16.69 9.45
CA LEU A 202 2.82 16.77 10.88
C LEU A 202 1.36 17.08 11.02
N MET A 203 0.62 16.22 11.73
CA MET A 203 -0.82 16.40 11.83
C MET A 203 -1.38 16.46 13.25
N TYR A 204 -2.57 17.11 13.33
CA TYR A 204 -3.33 17.19 14.56
C TYR A 204 -4.79 16.68 14.35
N PRO A 205 -5.59 16.54 15.44
CA PRO A 205 -6.95 15.99 15.13
C PRO A 205 -7.85 17.01 14.38
N TYR A 206 -8.97 16.56 13.80
CA TYR A 206 -9.35 15.15 13.70
C TYR A 206 -9.07 14.53 12.35
N GLY A 207 -8.91 13.21 12.35
CA GLY A 207 -9.01 12.38 11.15
C GLY A 207 -10.41 11.81 10.86
N TYR A 208 -11.31 11.77 11.83
CA TYR A 208 -12.65 11.17 11.55
C TYR A 208 -13.72 12.14 11.06
N LYS A 209 -13.55 13.43 11.36
CA LYS A 209 -14.53 14.43 10.97
C LYS A 209 -13.85 15.73 10.62
N THR A 210 -14.52 16.54 9.79
CA THR A 210 -13.93 17.73 9.19
C THR A 210 -13.98 18.87 10.16
N GLU A 211 -14.89 18.80 11.12
CA GLU A 211 -15.02 19.81 12.14
C GLU A 211 -13.67 20.10 12.79
N PRO A 212 -13.26 21.39 12.88
CA PRO A 212 -11.99 21.62 13.55
C PRO A 212 -12.09 21.49 15.08
N VAL A 213 -11.07 20.85 15.65
CA VAL A 213 -10.77 20.72 17.09
C VAL A 213 -10.82 22.12 17.76
N PRO A 214 -11.20 22.23 19.07
CA PRO A 214 -11.19 23.56 19.71
C PRO A 214 -9.81 24.22 19.84
N ASP A 215 -8.76 23.41 19.90
CA ASP A 215 -7.41 23.99 20.02
C ASP A 215 -6.70 24.19 18.68
N GLN A 216 -7.51 24.33 17.60
CA GLN A 216 -6.98 24.44 16.24
C GLN A 216 -5.92 25.53 16.04
N ASP A 217 -6.20 26.77 16.42
CA ASP A 217 -5.21 27.83 16.20
C ASP A 217 -3.87 27.48 16.84
N GLU A 218 -3.90 27.13 18.13
CA GLU A 218 -2.69 26.79 18.90
C GLU A 218 -1.97 25.57 18.33
N LEU A 219 -2.73 24.55 17.98
CA LEU A 219 -2.13 23.36 17.42
C LEU A 219 -1.51 23.59 16.05
N ASP A 220 -2.19 24.39 15.24
CA ASP A 220 -1.69 24.72 13.91
C ASP A 220 -0.46 25.58 14.03
N GLN A 221 -0.47 26.53 14.96
CA GLN A 221 0.67 27.40 15.18
C GLN A 221 1.88 26.66 15.73
N LEU A 222 1.63 25.71 16.60
CA LEU A 222 2.70 24.86 17.06
C LEU A 222 3.15 24.06 15.87
N SER A 223 2.24 23.60 15.02
CA SER A 223 2.64 22.73 13.88
C SER A 223 3.64 23.45 12.94
N LYS A 224 3.33 24.70 12.66
CA LYS A 224 4.17 25.51 11.78
C LYS A 224 5.55 25.72 12.35
N ALA A 225 5.71 25.83 13.65
CA ALA A 225 7.02 26.06 14.24
C ALA A 225 7.75 24.76 14.27
N ALA A 226 7.04 23.64 14.45
CA ALA A 226 7.72 22.33 14.52
C ALA A 226 8.33 21.94 13.18
N VAL A 227 7.61 22.21 12.08
CA VAL A 227 8.10 21.91 10.75
C VAL A 227 9.16 22.92 10.30
N THR A 228 9.06 24.16 10.79
CA THR A 228 10.10 25.11 10.54
C THR A 228 11.39 24.65 11.18
N ALA A 229 11.32 24.16 12.43
CA ALA A 229 12.51 23.69 13.14
C ALA A 229 13.06 22.52 12.31
N LEU A 230 12.18 21.55 12.04
CA LEU A 230 12.55 20.38 11.23
C LEU A 230 13.28 20.77 9.93
N ALA A 231 12.73 21.73 9.19
CA ALA A 231 13.28 22.10 7.88
C ALA A 231 14.68 22.73 8.00
N SER A 232 15.00 23.29 9.17
CA SER A 232 16.21 24.08 9.39
C SER A 232 17.48 23.30 9.10
N LEU A 233 17.41 21.97 9.32
CA LEU A 233 18.54 21.04 9.25
C LEU A 233 18.98 20.69 7.84
N TYR A 234 18.08 20.11 7.02
CA TYR A 234 18.41 19.67 5.62
C TYR A 234 17.50 20.26 4.53
N GLY A 235 16.59 21.17 4.92
CA GLY A 235 15.59 21.77 4.02
C GLY A 235 14.39 20.89 3.71
N THR A 236 14.21 19.81 4.49
CA THR A 236 13.12 18.84 4.26
C THR A 236 11.75 19.49 4.46
N LYS A 237 10.85 19.41 3.49
CA LYS A 237 9.57 20.12 3.62
C LYS A 237 8.43 19.24 4.17
N PHE A 238 7.91 19.58 5.35
CA PHE A 238 6.68 18.96 5.86
C PHE A 238 5.49 19.89 5.70
N ASN A 239 4.31 19.35 5.39
CA ASN A 239 3.07 20.10 5.45
C ASN A 239 2.36 19.73 6.75
N TYR A 240 1.37 20.53 7.14
CA TYR A 240 0.72 20.29 8.41
C TYR A 240 -0.77 20.66 8.33
N GLY A 241 -1.51 20.17 9.32
CA GLY A 241 -2.93 20.41 9.37
C GLY A 241 -3.62 19.22 10.01
N SER A 242 -4.92 19.24 10.00
CA SER A 242 -5.67 18.18 10.64
C SER A 242 -5.52 16.96 9.77
N ILE A 243 -5.64 15.80 10.37
CA ILE A 243 -5.47 14.59 9.63
C ILE A 243 -6.39 14.59 8.43
N ILE A 244 -7.63 15.02 8.62
CA ILE A 244 -8.63 14.87 7.57
C ILE A 244 -8.34 15.78 6.34
N LYS A 245 -7.80 16.98 6.57
CA LYS A 245 -7.49 17.96 5.55
C LYS A 245 -6.15 17.70 4.89
N ALA A 246 -5.20 17.16 5.67
CA ALA A 246 -3.81 16.98 5.23
C ALA A 246 -3.55 15.65 4.52
N ILE A 247 -4.25 14.58 4.89
CA ILE A 247 -4.09 13.31 4.14
C ILE A 247 -5.47 12.80 3.67
N TYR A 248 -6.25 12.24 4.61
CA TYR A 248 -7.60 11.83 4.34
C TYR A 248 -8.37 11.43 5.63
N GLN A 249 -9.65 11.14 5.48
CA GLN A 249 -10.46 10.74 6.62
C GLN A 249 -10.06 9.36 7.12
N ALA A 250 -9.95 9.22 8.43
CA ALA A 250 -9.46 7.98 9.02
C ALA A 250 -10.17 7.91 10.36
N SER A 251 -10.97 6.86 10.56
CA SER A 251 -11.77 6.76 11.74
C SER A 251 -11.20 5.76 12.73
N GLY A 252 -11.41 6.01 14.02
CA GLY A 252 -10.90 5.14 15.06
C GLY A 252 -9.39 5.21 15.04
N SER A 253 -8.85 6.39 14.69
CA SER A 253 -7.40 6.65 14.69
C SER A 253 -6.92 7.24 16.01
N THR A 254 -5.63 7.13 16.24
CA THR A 254 -5.05 7.25 17.56
C THR A 254 -5.27 8.61 18.23
N ILE A 255 -4.93 9.70 17.55
CA ILE A 255 -4.83 11.01 18.20
C ILE A 255 -6.20 11.61 18.38
N ASP A 256 -7.16 11.08 17.65
CA ASP A 256 -8.56 11.44 17.81
C ASP A 256 -9.01 10.98 19.21
N TRP A 257 -8.57 9.79 19.60
CA TRP A 257 -8.88 9.23 20.92
C TRP A 257 -8.11 9.96 22.02
N THR A 258 -6.79 10.10 21.84
CA THR A 258 -6.01 10.70 22.88
C THR A 258 -6.47 12.13 23.08
N TYR A 259 -6.84 12.81 22.02
CA TYR A 259 -7.27 14.18 22.13
C TYR A 259 -8.60 14.25 22.87
N SER A 260 -9.49 13.29 22.63
CA SER A 260 -10.77 13.42 23.29
C SER A 260 -10.64 13.03 24.80
N GLN A 261 -9.49 12.42 25.15
CA GLN A 261 -9.15 12.11 26.55
C GLN A 261 -8.57 13.34 27.26
N GLY A 262 -8.53 14.49 26.59
CA GLY A 262 -8.06 15.72 27.20
C GLY A 262 -6.58 15.99 26.96
N ILE A 263 -5.92 15.18 26.15
CA ILE A 263 -4.51 15.35 25.91
C ILE A 263 -4.42 16.30 24.73
N LYS A 264 -4.11 17.55 25.03
CA LYS A 264 -4.28 18.66 24.07
C LYS A 264 -3.28 18.60 22.98
N TYR A 265 -2.05 18.28 23.35
CA TYR A 265 -0.99 18.25 22.37
C TYR A 265 -0.92 16.85 21.79
N SER A 266 -1.87 16.54 20.92
CA SER A 266 -1.98 15.25 20.26
C SER A 266 -1.56 15.43 18.81
N PHE A 267 -0.45 14.78 18.44
CA PHE A 267 0.15 14.94 17.11
C PHE A 267 0.55 13.64 16.46
N THR A 268 0.50 13.62 15.14
CA THR A 268 1.09 12.52 14.40
C THR A 268 2.03 13.06 13.33
N PHE A 269 3.22 12.46 13.24
CA PHE A 269 4.13 12.69 12.14
C PHE A 269 4.00 11.60 11.09
N GLU A 270 4.01 12.04 9.84
CA GLU A 270 4.38 11.13 8.74
C GLU A 270 5.78 11.58 8.29
N LEU A 271 6.75 10.68 8.42
CA LEU A 271 8.15 10.97 8.12
C LEU A 271 8.47 10.86 6.58
N ARG A 272 9.74 11.02 6.22
CA ARG A 272 10.25 10.76 4.89
C ARG A 272 9.88 9.37 4.29
N ASP A 273 9.85 9.27 2.98
CA ASP A 273 10.01 10.43 2.11
C ASP A 273 8.62 10.83 1.63
N THR A 274 8.49 11.24 0.37
CA THR A 274 7.18 11.56 -0.13
C THR A 274 6.76 10.56 -1.22
N GLY A 275 7.44 9.40 -1.26
CA GLY A 275 7.03 8.36 -2.18
C GLY A 275 8.11 7.71 -3.04
N ARG A 276 9.25 8.42 -3.27
CA ARG A 276 10.36 7.86 -4.07
C ARG A 276 10.74 6.42 -3.66
N TYR A 277 11.04 6.28 -2.37
CA TYR A 277 11.27 5.00 -1.71
C TYR A 277 10.07 4.56 -0.85
N GLY A 278 9.21 5.52 -0.48
CA GLY A 278 8.14 5.24 0.46
C GLY A 278 8.54 4.55 1.75
N PHE A 279 8.05 3.32 1.94
CA PHE A 279 8.35 2.55 3.15
C PHE A 279 9.73 1.92 3.13
N LEU A 280 10.26 1.81 1.91
CA LEU A 280 11.53 1.13 1.65
C LEU A 280 12.67 2.11 1.70
N LEU A 281 12.61 3.03 2.67
CA LEU A 281 13.53 4.13 2.73
C LEU A 281 14.94 3.58 3.02
N PRO A 282 15.96 4.03 2.28
CA PRO A 282 17.33 3.55 2.44
C PRO A 282 17.80 3.79 3.85
N ALA A 283 18.57 2.84 4.37
CA ALA A 283 19.14 2.98 5.71
C ALA A 283 19.96 4.27 5.86
N SER A 284 20.42 4.82 4.74
CA SER A 284 21.30 5.96 4.77
C SER A 284 20.52 7.20 5.15
N GLN A 285 19.19 7.10 5.05
CA GLN A 285 18.33 8.16 5.49
C GLN A 285 17.77 8.01 6.90
N ILE A 286 18.10 6.92 7.59
CA ILE A 286 17.69 6.81 9.01
C ILE A 286 18.07 7.99 9.92
N ILE A 287 19.37 8.28 10.05
CA ILE A 287 19.83 9.27 10.99
C ILE A 287 19.39 10.67 10.52
N PRO A 288 19.52 10.99 9.22
CA PRO A 288 18.97 12.29 8.86
C PRO A 288 17.49 12.41 9.26
N THR A 289 16.70 11.39 8.94
CA THR A 289 15.29 11.46 9.30
C THR A 289 15.07 11.75 10.79
N ALA A 290 15.76 10.98 11.64
CA ALA A 290 15.54 11.06 13.08
C ALA A 290 15.98 12.42 13.59
N LYS A 291 17.16 12.85 13.15
CA LYS A 291 17.70 14.17 13.55
C LYS A 291 16.78 15.35 13.25
N GLU A 292 16.27 15.45 12.04
CA GLU A 292 15.36 16.53 11.71
C GLU A 292 14.02 16.41 12.48
N THR A 293 13.52 15.18 12.66
CA THR A 293 12.27 14.94 13.41
C THR A 293 12.48 15.30 14.88
N TRP A 294 13.68 15.01 15.43
CA TRP A 294 14.01 15.41 16.82
C TRP A 294 13.86 16.90 17.01
N LEU A 295 14.34 17.69 16.05
CA LEU A 295 14.13 19.15 16.13
C LEU A 295 12.64 19.50 16.30
N ALA A 296 11.78 18.81 15.55
CA ALA A 296 10.33 19.01 15.65
C ALA A 296 9.77 18.55 17.02
N LEU A 297 10.17 17.37 17.47
CA LEU A 297 9.81 16.86 18.79
C LEU A 297 10.18 17.85 19.88
N LEU A 298 11.39 18.41 19.83
CA LEU A 298 11.83 19.44 20.81
C LEU A 298 10.91 20.62 20.86
N THR A 299 10.59 21.18 19.69
CA THR A 299 9.62 22.28 19.57
C THR A 299 8.32 21.96 20.33
N ILE A 300 7.74 20.80 20.01
CA ILE A 300 6.50 20.39 20.65
C ILE A 300 6.70 20.14 22.16
N MET A 301 7.85 19.60 22.56
CA MET A 301 8.07 19.29 23.98
C MET A 301 8.30 20.55 24.81
N GLU A 302 9.07 21.51 24.28
CA GLU A 302 9.20 22.82 24.93
C GLU A 302 7.88 23.51 25.09
N HIS A 303 7.02 23.45 24.08
CA HIS A 303 5.70 24.07 24.20
C HIS A 303 4.92 23.48 25.35
N THR A 304 4.90 22.16 25.38
CA THR A 304 4.24 21.34 26.39
C THR A 304 4.77 21.70 27.78
N LEU A 305 6.09 21.90 27.89
CA LEU A 305 6.76 22.22 29.12
C LEU A 305 6.21 23.52 29.63
N ASN A 306 6.11 24.53 28.77
CA ASN A 306 5.74 25.85 29.24
C ASN A 306 4.24 26.13 29.31
N HIS A 307 3.37 25.21 28.88
CA HIS A 307 1.92 25.48 28.87
C HIS A 307 1.09 24.43 29.61
N PRO A 308 1.03 24.52 30.96
CA PRO A 308 0.27 23.52 31.72
C PRO A 308 -1.22 23.51 31.40
N SER B 3 14.55 -21.09 -27.26
CA SER B 3 14.88 -19.97 -26.32
C SER B 3 13.68 -19.55 -25.48
N THR B 4 12.49 -19.37 -26.05
CA THR B 4 11.33 -19.28 -25.13
C THR B 4 11.08 -20.64 -24.48
N ASP B 5 11.71 -21.70 -24.99
CA ASP B 5 11.66 -23.01 -24.30
C ASP B 5 12.66 -23.10 -23.15
N THR B 6 13.71 -22.28 -23.20
CA THR B 6 14.74 -22.35 -22.19
C THR B 6 14.62 -21.18 -21.18
N PHE B 7 13.70 -20.25 -21.47
CA PHE B 7 13.37 -19.08 -20.65
C PHE B 7 12.82 -19.56 -19.32
N ASN B 8 13.20 -18.91 -18.23
CA ASN B 8 12.80 -19.38 -16.91
C ASN B 8 11.48 -18.72 -16.47
N TYR B 9 10.40 -19.48 -16.55
CA TYR B 9 9.07 -18.98 -16.24
C TYR B 9 8.81 -18.93 -14.74
N ALA B 10 9.62 -19.64 -13.95
CA ALA B 10 9.43 -19.71 -12.51
C ALA B 10 10.23 -18.67 -11.71
N THR B 11 10.66 -17.56 -12.35
CA THR B 11 11.31 -16.44 -11.65
C THR B 11 10.81 -15.12 -12.24
N TYR B 12 11.04 -14.02 -11.50
CA TYR B 12 10.69 -12.65 -11.87
C TYR B 12 11.76 -12.00 -12.71
N HIS B 13 11.32 -11.33 -13.77
CA HIS B 13 12.26 -10.75 -14.73
C HIS B 13 12.20 -9.22 -14.74
N THR B 14 13.29 -8.61 -15.18
CA THR B 14 13.34 -7.21 -15.46
C THR B 14 12.54 -6.87 -16.73
N LEU B 15 12.28 -5.57 -16.93
CA LEU B 15 11.65 -5.08 -18.12
C LEU B 15 12.36 -5.50 -19.40
N GLU B 16 13.70 -5.41 -19.45
CA GLU B 16 14.49 -5.79 -20.63
C GLU B 16 14.27 -7.29 -20.90
N GLU B 17 14.28 -8.09 -19.85
CA GLU B 17 14.05 -9.53 -20.05
C GLU B 17 12.66 -9.81 -20.63
N ILE B 18 11.68 -8.96 -20.32
CA ILE B 18 10.35 -9.26 -20.83
C ILE B 18 10.29 -8.87 -22.27
N TYR B 19 10.83 -7.68 -22.55
CA TYR B 19 10.89 -7.15 -23.91
C TYR B 19 11.66 -8.08 -24.86
N ASP B 20 12.76 -8.67 -24.38
CA ASP B 20 13.53 -9.65 -25.18
C ASP B 20 12.70 -10.92 -25.37
N PHE B 21 11.88 -11.25 -24.38
CA PHE B 21 11.00 -12.39 -24.54
C PHE B 21 9.95 -12.16 -25.64
N LEU B 22 9.33 -10.97 -25.65
CA LEU B 22 8.41 -10.57 -26.74
C LEU B 22 9.06 -10.88 -28.06
N ASP B 23 10.30 -10.41 -28.25
CA ASP B 23 10.97 -10.61 -29.55
C ASP B 23 11.23 -12.06 -29.88
N LEU B 24 11.66 -12.85 -28.89
CA LEU B 24 11.98 -14.26 -29.16
C LEU B 24 10.72 -14.98 -29.53
N LEU B 25 9.63 -14.70 -28.83
CA LEU B 25 8.36 -15.39 -29.13
C LEU B 25 7.84 -15.01 -30.53
N VAL B 26 7.97 -13.76 -30.91
CA VAL B 26 7.55 -13.36 -32.25
C VAL B 26 8.39 -14.06 -33.29
N ALA B 27 9.72 -14.11 -33.10
CA ALA B 27 10.62 -14.73 -34.12
C ALA B 27 10.38 -16.22 -34.25
N GLU B 28 10.01 -16.85 -33.14
CA GLU B 28 9.71 -18.27 -33.16
C GLU B 28 8.33 -18.56 -33.78
N ASN B 29 7.48 -17.54 -33.81
CA ASN B 29 6.11 -17.76 -34.25
C ASN B 29 5.57 -16.59 -35.08
N PRO B 30 6.29 -16.17 -36.12
CA PRO B 30 5.89 -14.95 -36.82
C PRO B 30 4.59 -15.03 -37.61
N HIS B 31 4.14 -16.24 -37.93
CA HIS B 31 2.87 -16.40 -38.64
C HIS B 31 1.67 -16.42 -37.70
N LEU B 32 1.94 -16.26 -36.40
CA LEU B 32 0.90 -16.38 -35.39
C LEU B 32 0.90 -15.14 -34.49
N VAL B 33 2.11 -14.69 -34.13
CA VAL B 33 2.30 -13.63 -33.17
C VAL B 33 2.99 -12.49 -33.84
N SER B 34 2.35 -11.32 -33.77
CA SER B 34 3.05 -10.10 -34.11
C SER B 34 3.07 -9.14 -32.91
N LYS B 35 4.12 -8.30 -32.90
CA LYS B 35 4.32 -7.28 -31.88
C LYS B 35 3.87 -5.90 -32.38
N ILE B 36 3.01 -5.23 -31.63
CA ILE B 36 2.47 -3.93 -32.04
C ILE B 36 2.90 -2.89 -31.02
N GLN B 37 3.40 -1.76 -31.51
CA GLN B 37 3.67 -0.58 -30.67
C GLN B 37 2.46 0.35 -30.65
N ILE B 38 1.88 0.55 -29.46
CA ILE B 38 0.69 1.38 -29.34
C ILE B 38 1.00 2.80 -28.82
N GLY B 39 2.25 3.00 -28.41
CA GLY B 39 2.70 4.28 -27.89
C GLY B 39 4.08 4.21 -27.29
N ASN B 40 4.43 5.26 -26.59
CA ASN B 40 5.62 5.28 -25.78
C ASN B 40 5.16 5.86 -24.43
N THR B 41 5.75 5.37 -23.35
CA THR B 41 5.49 5.86 -22.02
C THR B 41 5.87 7.32 -21.82
N TYR B 42 5.58 7.83 -20.61
CA TYR B 42 5.89 9.22 -20.25
C TYR B 42 7.39 9.43 -20.36
N GLU B 43 8.13 8.37 -20.09
CA GLU B 43 9.59 8.39 -20.09
C GLU B 43 10.17 7.92 -21.43
N GLY B 44 9.29 7.80 -22.42
CA GLY B 44 9.68 7.58 -23.81
C GLY B 44 9.93 6.16 -24.26
N ARG B 45 9.60 5.16 -23.42
CA ARG B 45 9.85 3.73 -23.72
C ARG B 45 8.67 3.17 -24.52
N PRO B 46 8.93 2.30 -25.50
CA PRO B 46 7.88 1.77 -26.35
C PRO B 46 6.88 1.00 -25.54
N ILE B 47 5.59 1.09 -25.89
CA ILE B 47 4.56 0.23 -25.27
C ILE B 47 4.13 -0.85 -26.26
N TYR B 48 4.26 -2.11 -25.87
CA TYR B 48 4.05 -3.22 -26.81
C TYR B 48 2.88 -4.12 -26.48
N VAL B 49 2.15 -4.53 -27.51
CA VAL B 49 1.05 -5.48 -27.36
C VAL B 49 1.32 -6.66 -28.29
N LEU B 50 1.13 -7.89 -27.79
CA LEU B 50 1.19 -9.06 -28.67
C LEU B 50 -0.15 -9.39 -29.30
N LYS B 51 -0.16 -9.47 -30.63
CA LYS B 51 -1.32 -9.89 -31.39
C LYS B 51 -1.14 -11.34 -31.75
N PHE B 52 -2.07 -12.17 -31.29
CA PHE B 52 -2.10 -13.55 -31.68
C PHE B 52 -3.27 -13.74 -32.61
N SER B 53 -3.01 -14.25 -33.82
CA SER B 53 -4.03 -14.29 -34.86
C SER B 53 -3.82 -15.41 -35.89
N THR B 54 -4.91 -16.02 -36.34
CA THR B 54 -4.83 -17.01 -37.42
C THR B 54 -5.25 -16.41 -38.81
N GLY B 55 -5.65 -15.13 -38.85
CA GLY B 55 -5.93 -14.39 -40.11
C GLY B 55 -6.97 -13.26 -40.07
N GLY B 56 -7.46 -12.87 -41.25
CA GLY B 56 -8.62 -12.00 -41.39
C GLY B 56 -8.22 -10.58 -41.17
N SER B 57 -9.19 -9.67 -41.12
CA SER B 57 -8.91 -8.27 -40.69
C SER B 57 -9.89 -7.75 -39.60
N LYS B 58 -9.30 -7.13 -38.56
CA LYS B 58 -10.02 -6.78 -37.33
C LYS B 58 -11.14 -7.76 -37.02
N ARG B 59 -10.76 -9.02 -36.94
CA ARG B 59 -11.60 -10.09 -36.42
C ARG B 59 -12.04 -9.77 -35.01
N PRO B 60 -13.13 -10.38 -34.53
CA PRO B 60 -13.51 -10.19 -33.14
C PRO B 60 -12.38 -10.58 -32.22
N ALA B 61 -12.21 -9.85 -31.12
CA ALA B 61 -10.98 -9.96 -30.35
C ALA B 61 -11.17 -9.94 -28.86
N ILE B 62 -10.25 -10.64 -28.18
CA ILE B 62 -10.07 -10.64 -26.73
C ILE B 62 -8.90 -9.78 -26.36
N TRP B 63 -9.10 -8.82 -25.46
CA TRP B 63 -8.00 -8.04 -24.93
C TRP B 63 -7.61 -8.54 -23.53
N ILE B 64 -6.33 -8.79 -23.28
CA ILE B 64 -5.85 -9.11 -21.95
C ILE B 64 -4.63 -8.22 -21.60
N ASP B 65 -4.71 -7.50 -20.48
CA ASP B 65 -3.52 -6.77 -19.98
C ASP B 65 -3.09 -7.20 -18.58
N THR B 66 -1.79 -7.12 -18.35
CA THR B 66 -1.26 -7.32 -17.04
C THR B 66 -0.32 -6.16 -16.72
N GLY B 67 -0.06 -5.97 -15.42
CA GLY B 67 0.98 -5.05 -14.96
C GLY B 67 0.66 -3.58 -15.02
N ILE B 68 -0.61 -3.21 -15.08
CA ILE B 68 -0.93 -1.76 -15.06
C ILE B 68 -0.53 -1.09 -13.70
N HIS B 69 -0.71 -1.85 -12.62
CA HIS B 69 -0.09 -1.55 -11.33
C HIS B 69 1.24 -2.29 -11.22
N SER B 70 2.32 -1.55 -11.33
CA SER B 70 3.60 -2.14 -11.66
C SER B 70 4.20 -3.02 -10.56
N ARG B 71 3.91 -2.75 -9.30
CA ARG B 71 4.38 -3.61 -8.22
C ARG B 71 3.68 -5.00 -8.16
N GLU B 72 2.73 -5.27 -9.08
CA GLU B 72 1.89 -6.49 -9.02
C GLU B 72 2.53 -7.52 -9.90
N TRP B 73 3.72 -7.92 -9.45
CA TRP B 73 4.69 -8.68 -10.23
C TRP B 73 4.18 -10.04 -10.76
N VAL B 74 3.27 -10.67 -10.04
CA VAL B 74 2.80 -11.96 -10.50
C VAL B 74 2.03 -11.84 -11.82
N THR B 75 1.46 -10.65 -12.07
CA THR B 75 0.65 -10.45 -13.27
C THR B 75 1.51 -10.40 -14.51
N GLN B 76 2.55 -9.58 -14.51
CA GLN B 76 3.46 -9.56 -15.67
C GLN B 76 4.04 -10.95 -15.92
N ALA B 77 4.44 -11.61 -14.84
CA ALA B 77 5.03 -12.94 -14.91
C ALA B 77 4.00 -13.96 -15.44
N SER B 78 2.74 -13.86 -15.02
CA SER B 78 1.69 -14.67 -15.68
C SER B 78 1.40 -14.26 -17.13
N GLY B 79 1.41 -12.97 -17.44
CA GLY B 79 1.32 -12.56 -18.82
C GLY B 79 2.38 -13.22 -19.71
N VAL B 80 3.58 -13.43 -19.17
CA VAL B 80 4.64 -14.02 -19.95
C VAL B 80 4.28 -15.46 -20.21
N TRP B 81 3.75 -16.12 -19.19
CA TRP B 81 3.36 -17.51 -19.30
C TRP B 81 2.18 -17.69 -20.25
N PHE B 82 1.14 -16.88 -20.08
CA PHE B 82 0.01 -16.82 -21.03
C PHE B 82 0.45 -16.81 -22.50
N ALA B 83 1.41 -15.96 -22.81
CA ALA B 83 1.90 -15.81 -24.17
C ALA B 83 2.58 -17.09 -24.68
N LYS B 84 3.46 -17.69 -23.87
CA LYS B 84 4.04 -18.96 -24.26
C LYS B 84 2.90 -19.98 -24.40
N LYS B 85 1.94 -19.89 -23.48
CA LYS B 85 0.88 -20.90 -23.44
C LYS B 85 0.08 -20.94 -24.76
N ILE B 86 -0.23 -19.74 -25.27
CA ILE B 86 -0.95 -19.56 -26.53
C ILE B 86 -0.24 -20.21 -27.71
N THR B 87 1.06 -20.05 -27.79
CA THR B 87 1.81 -20.64 -28.86
C THR B 87 1.91 -22.16 -28.67
N GLN B 88 1.90 -22.64 -27.43
CA GLN B 88 2.04 -24.07 -27.15
C GLN B 88 0.80 -24.85 -27.51
N ASP B 89 -0.34 -24.28 -27.18
CA ASP B 89 -1.60 -24.96 -27.39
C ASP B 89 -2.23 -24.71 -28.75
N TYR B 90 -1.84 -23.65 -29.47
CA TYR B 90 -2.51 -23.44 -30.73
C TYR B 90 -2.20 -24.59 -31.68
N GLY B 91 -3.24 -25.29 -32.12
CA GLY B 91 -3.09 -26.48 -32.95
C GLY B 91 -2.89 -27.82 -32.26
N GLN B 92 -2.72 -27.82 -30.92
CA GLN B 92 -2.64 -29.05 -30.13
C GLN B 92 -3.86 -29.23 -29.19
N ASP B 93 -4.38 -28.14 -28.58
CA ASP B 93 -5.56 -28.23 -27.70
C ASP B 93 -6.79 -27.78 -28.48
N ALA B 94 -7.76 -28.70 -28.60
CA ALA B 94 -8.85 -28.52 -29.54
C ALA B 94 -9.71 -27.30 -29.23
N ALA B 95 -9.84 -26.97 -27.94
CA ALA B 95 -10.75 -25.88 -27.52
C ALA B 95 -10.11 -24.53 -27.69
N PHE B 96 -8.82 -24.49 -27.49
CA PHE B 96 -8.14 -23.23 -27.66
C PHE B 96 -7.93 -22.88 -29.15
N THR B 97 -7.59 -23.90 -29.93
CA THR B 97 -7.63 -23.80 -31.40
C THR B 97 -8.93 -23.14 -31.95
N ALA B 98 -10.09 -23.65 -31.56
CA ALA B 98 -11.36 -23.05 -31.94
C ALA B 98 -11.51 -21.58 -31.53
N ILE B 99 -11.04 -21.23 -30.34
CA ILE B 99 -11.01 -19.83 -29.92
C ILE B 99 -10.23 -18.94 -30.90
N LEU B 100 -9.01 -19.35 -31.21
CA LEU B 100 -8.12 -18.51 -31.99
C LEU B 100 -8.45 -18.59 -33.48
N ASP B 101 -9.14 -19.66 -33.90
CA ASP B 101 -9.66 -19.75 -35.29
C ASP B 101 -10.76 -18.72 -35.67
N THR B 102 -11.35 -18.09 -34.65
CA THR B 102 -12.41 -17.08 -34.81
C THR B 102 -12.06 -15.71 -34.19
N LEU B 103 -11.50 -15.75 -32.99
CA LEU B 103 -11.07 -14.55 -32.29
C LEU B 103 -9.57 -14.26 -32.39
N ASP B 104 -9.23 -12.97 -32.55
CA ASP B 104 -7.86 -12.50 -32.25
C ASP B 104 -7.70 -12.32 -30.75
N ILE B 105 -6.45 -12.46 -30.28
CA ILE B 105 -6.07 -12.18 -28.91
C ILE B 105 -4.99 -11.09 -28.82
N PHE B 106 -5.23 -10.08 -28.01
CA PHE B 106 -4.20 -9.05 -27.75
C PHE B 106 -3.76 -9.21 -26.33
N LEU B 107 -2.45 -9.29 -26.10
CA LEU B 107 -1.91 -9.39 -24.74
C LEU B 107 -0.88 -8.31 -24.53
N GLU B 108 -1.22 -7.34 -23.68
CA GLU B 108 -0.27 -6.36 -23.16
C GLU B 108 0.35 -6.79 -21.81
N ILE B 109 1.60 -7.22 -21.86
CA ILE B 109 2.19 -7.84 -20.68
C ILE B 109 2.70 -6.84 -19.62
N VAL B 110 3.37 -5.79 -20.07
CA VAL B 110 3.85 -4.74 -19.21
C VAL B 110 3.04 -3.51 -19.64
N THR B 111 1.94 -3.26 -18.97
CA THR B 111 1.05 -2.17 -19.34
C THR B 111 1.52 -0.82 -18.73
N ASN B 112 2.46 -0.88 -17.77
CA ASN B 112 3.02 0.32 -17.12
C ASN B 112 4.55 0.13 -17.05
N PRO B 113 5.23 0.30 -18.18
CA PRO B 113 6.66 0.12 -18.26
C PRO B 113 7.50 1.03 -17.40
N ASP B 114 7.20 2.31 -17.33
CA ASP B 114 7.97 3.18 -16.43
C ASP B 114 7.90 2.67 -15.00
N GLY B 115 6.72 2.29 -14.56
CA GLY B 115 6.54 1.93 -13.18
C GLY B 115 7.25 0.62 -12.93
N PHE B 116 7.17 -0.26 -13.91
CA PHE B 116 7.77 -1.55 -13.78
C PHE B 116 9.28 -1.41 -13.62
N ALA B 117 9.89 -0.56 -14.44
CA ALA B 117 11.32 -0.28 -14.35
C ALA B 117 11.68 0.31 -13.01
N PHE B 118 10.81 1.19 -12.49
CA PHE B 118 11.02 1.79 -11.18
C PHE B 118 10.97 0.77 -10.06
N THR B 119 10.08 -0.21 -10.16
CA THR B 119 10.01 -1.26 -9.15
C THR B 119 11.28 -2.07 -9.10
N HIS B 120 11.99 -2.14 -10.22
CA HIS B 120 13.27 -2.86 -10.26
C HIS B 120 14.46 -2.03 -9.86
N SER B 121 14.51 -0.79 -10.33
CA SER B 121 15.66 0.08 -10.01
C SER B 121 15.65 0.69 -8.60
N THR B 122 14.47 1.07 -8.10
CA THR B 122 14.36 1.98 -6.95
C THR B 122 13.37 1.61 -5.83
N ASN B 123 12.14 1.22 -6.18
CA ASN B 123 11.05 1.05 -5.21
C ASN B 123 10.13 -0.05 -5.68
N ARG B 124 10.39 -1.27 -5.18
CA ARG B 124 9.60 -2.52 -5.42
C ARG B 124 8.09 -2.33 -5.27
N MET B 125 7.69 -1.29 -4.52
CA MET B 125 6.29 -1.00 -4.26
C MET B 125 5.68 0.18 -5.06
N TRP B 126 6.38 0.67 -6.06
CA TRP B 126 5.77 1.66 -6.95
C TRP B 126 4.49 1.13 -7.63
N ARG B 127 3.46 1.95 -7.61
CA ARG B 127 2.15 1.59 -8.14
C ARG B 127 1.79 2.33 -9.42
N LYS B 128 2.06 3.64 -9.44
CA LYS B 128 1.46 4.59 -10.35
C LYS B 128 2.29 4.74 -11.61
N THR B 129 1.87 5.62 -12.53
CA THR B 129 2.77 6.01 -13.61
C THR B 129 3.90 6.86 -13.03
N ARG B 130 4.79 7.36 -13.89
CA ARG B 130 5.90 8.16 -13.45
C ARG B 130 5.83 9.58 -13.95
N SER B 131 4.63 10.07 -14.27
CA SER B 131 4.50 11.38 -14.88
C SER B 131 4.74 12.41 -13.82
N HIS B 132 5.28 13.56 -14.21
CA HIS B 132 5.46 14.66 -13.27
C HIS B 132 4.14 15.45 -13.14
N THR B 133 3.90 15.98 -11.92
CA THR B 133 2.66 16.71 -11.58
C THR B 133 2.89 18.22 -11.29
N ALA B 134 2.41 19.06 -12.20
CA ALA B 134 2.58 20.51 -12.11
C ALA B 134 2.16 21.01 -10.76
N GLY B 135 3.03 21.74 -10.10
CA GLY B 135 2.74 22.29 -8.79
C GLY B 135 2.82 21.29 -7.65
N SER B 136 3.46 20.13 -7.88
CA SER B 136 3.67 19.13 -6.83
C SER B 136 5.05 18.49 -6.85
N LEU B 137 5.48 18.04 -5.69
CA LEU B 137 6.67 17.20 -5.54
C LEU B 137 6.37 15.74 -5.97
N CYS B 138 5.15 15.29 -5.67
CA CYS B 138 4.78 13.91 -5.86
C CYS B 138 4.64 13.61 -7.34
N ILE B 139 4.86 12.35 -7.68
CA ILE B 139 4.96 11.91 -9.05
C ILE B 139 3.97 10.79 -9.33
N GLY B 140 3.36 10.86 -10.51
CA GLY B 140 2.66 9.72 -11.03
C GLY B 140 1.18 9.74 -10.81
N VAL B 141 0.47 9.06 -11.70
CA VAL B 141 -0.98 9.01 -11.67
C VAL B 141 -1.38 7.56 -11.57
N ASP B 142 -2.48 7.28 -10.86
CA ASP B 142 -3.00 5.93 -10.78
C ASP B 142 -3.60 5.61 -12.15
N PRO B 143 -2.94 4.76 -12.96
CA PRO B 143 -3.60 4.43 -14.24
C PRO B 143 -4.97 3.74 -14.12
N ASN B 144 -5.29 3.18 -12.95
CA ASN B 144 -6.62 2.60 -12.72
C ASN B 144 -7.61 3.58 -12.14
N ARG B 145 -7.29 4.87 -12.15
CA ARG B 145 -8.28 5.94 -11.87
C ARG B 145 -8.38 7.02 -12.97
N ASN B 146 -7.62 6.81 -14.04
CA ASN B 146 -7.45 7.85 -15.05
C ASN B 146 -8.37 7.67 -16.23
N TRP B 147 -9.27 6.66 -16.21
CA TRP B 147 -10.19 6.38 -17.33
C TRP B 147 -11.47 7.28 -17.40
N ASP B 148 -12.00 7.49 -18.61
CA ASP B 148 -13.20 8.35 -18.82
C ASP B 148 -14.57 7.70 -18.44
N ALA B 149 -14.63 7.10 -17.28
CA ALA B 149 -15.83 6.56 -16.73
C ALA B 149 -15.94 7.00 -15.26
N GLY B 150 -16.83 7.97 -15.02
CA GLY B 150 -17.05 8.54 -13.70
C GLY B 150 -15.78 9.18 -13.22
N PHE B 151 -14.95 9.64 -14.15
CA PHE B 151 -13.66 10.19 -13.82
C PHE B 151 -13.79 11.33 -12.80
N GLY B 152 -13.00 11.28 -11.74
CA GLY B 152 -12.93 12.39 -10.77
C GLY B 152 -14.02 12.38 -9.70
N LEU B 153 -14.85 11.34 -9.72
CA LEU B 153 -15.97 11.25 -8.80
C LEU B 153 -15.48 10.38 -7.66
N SER B 154 -16.36 10.14 -6.67
CA SER B 154 -16.02 9.27 -5.53
C SER B 154 -15.35 7.96 -5.92
N GLY B 155 -14.26 7.64 -5.23
CA GLY B 155 -13.48 6.45 -5.52
C GLY B 155 -12.19 6.81 -6.22
N ALA B 156 -11.69 8.03 -6.05
CA ALA B 156 -10.33 8.35 -6.52
C ALA B 156 -9.91 9.61 -5.83
N SER B 157 -8.64 9.95 -5.92
CA SER B 157 -8.14 11.12 -5.18
C SER B 157 -7.72 12.27 -6.09
N SER B 158 -7.97 13.50 -5.63
CA SER B 158 -7.50 14.69 -6.32
C SER B 158 -6.14 15.08 -5.81
N ASN B 159 -5.60 14.32 -4.84
CA ASN B 159 -4.27 14.54 -4.22
C ASN B 159 -3.12 13.86 -4.99
N PRO B 160 -2.26 14.67 -5.58
CA PRO B 160 -1.15 14.14 -6.40
C PRO B 160 -0.28 13.08 -5.70
N CYS B 161 -0.22 13.15 -4.37
CA CYS B 161 0.63 12.28 -3.55
C CYS B 161 -0.11 10.99 -3.18
N SER B 162 -1.37 10.92 -3.59
CA SER B 162 -2.21 9.83 -3.20
C SER B 162 -1.85 8.65 -4.10
N GLU B 163 -2.07 7.42 -3.61
CA GLU B 163 -1.89 6.25 -4.44
C GLU B 163 -2.99 6.16 -5.49
N THR B 164 -4.12 6.83 -5.26
CA THR B 164 -5.22 6.71 -6.18
C THR B 164 -5.49 8.08 -6.85
N TYR B 165 -4.46 8.94 -6.89
CA TYR B 165 -4.51 10.18 -7.63
C TYR B 165 -5.00 9.92 -9.07
N HIS B 166 -6.04 10.63 -9.47
CA HIS B 166 -6.69 10.43 -10.78
C HIS B 166 -6.11 11.25 -11.96
N GLY B 167 -5.16 12.14 -11.72
CA GLY B 167 -4.67 13.03 -12.79
C GLY B 167 -5.55 14.26 -13.08
N LYS B 168 -5.07 15.13 -13.97
CA LYS B 168 -5.73 16.42 -14.23
C LYS B 168 -7.01 16.24 -14.97
N PHE B 169 -7.03 15.27 -15.86
CA PHE B 169 -8.14 15.02 -16.75
C PHE B 169 -8.06 13.55 -17.20
N ALA B 170 -9.20 13.01 -17.64
CA ALA B 170 -9.29 11.64 -18.11
C ALA B 170 -8.27 11.42 -19.21
N ASN B 171 -7.58 10.27 -19.19
CA ASN B 171 -6.59 9.88 -20.22
C ASN B 171 -5.36 10.75 -20.34
N SER B 172 -5.14 11.62 -19.34
CA SER B 172 -3.90 12.40 -19.27
C SER B 172 -2.68 11.43 -19.35
N GLU B 173 -2.77 10.24 -18.77
CA GLU B 173 -1.63 9.32 -18.83
C GLU B 173 -1.58 8.64 -20.19
N VAL B 174 -0.44 8.81 -20.85
CA VAL B 174 -0.21 8.27 -22.22
C VAL B 174 -0.40 6.78 -22.23
N GLU B 175 -0.12 6.14 -21.10
CA GLU B 175 -0.21 4.67 -21.01
C GLU B 175 -1.66 4.21 -21.10
N VAL B 176 -2.57 5.07 -20.65
CA VAL B 176 -3.99 4.78 -20.67
C VAL B 176 -4.56 5.22 -22.01
N LYS B 177 -4.10 6.34 -22.52
CA LYS B 177 -4.63 6.86 -23.79
C LYS B 177 -4.23 5.93 -24.97
N SER B 178 -3.03 5.37 -24.92
CA SER B 178 -2.62 4.42 -25.94
C SER B 178 -3.63 3.29 -26.05
N ILE B 179 -4.07 2.76 -24.91
CA ILE B 179 -5.01 1.66 -24.97
C ILE B 179 -6.37 2.13 -25.49
N VAL B 180 -6.87 3.22 -24.94
CA VAL B 180 -8.11 3.84 -25.42
C VAL B 180 -8.09 3.96 -26.95
N ASP B 181 -7.03 4.57 -27.47
CA ASP B 181 -6.90 4.83 -28.88
C ASP B 181 -6.91 3.51 -29.66
N PHE B 182 -6.26 2.50 -29.09
CA PHE B 182 -6.18 1.21 -29.72
C PHE B 182 -7.55 0.56 -29.84
N VAL B 183 -8.28 0.54 -28.73
CA VAL B 183 -9.60 -0.07 -28.67
C VAL B 183 -10.58 0.62 -29.63
N LYS B 184 -10.62 1.95 -29.59
CA LYS B 184 -11.55 2.73 -30.41
C LYS B 184 -11.26 2.53 -31.87
N ASP B 185 -9.99 2.36 -32.18
CA ASP B 185 -9.57 2.26 -33.56
C ASP B 185 -9.93 0.92 -34.09
N HIS B 186 -9.75 -0.10 -33.25
CA HIS B 186 -10.06 -1.45 -33.60
C HIS B 186 -11.58 -1.61 -33.80
N GLY B 187 -12.35 -1.24 -32.79
CA GLY B 187 -13.81 -1.27 -32.85
C GLY B 187 -14.51 -2.62 -32.80
N ASN B 188 -13.81 -3.67 -32.41
CA ASN B 188 -14.39 -5.01 -32.46
C ASN B 188 -13.79 -5.93 -31.38
N ILE B 189 -13.49 -5.35 -30.22
CA ILE B 189 -13.03 -6.10 -29.06
C ILE B 189 -14.31 -6.55 -28.38
N LYS B 190 -14.43 -7.85 -28.14
CA LYS B 190 -15.63 -8.46 -27.58
C LYS B 190 -15.41 -8.79 -26.10
N ALA B 191 -14.14 -8.89 -25.67
CA ALA B 191 -13.77 -9.16 -24.26
C ALA B 191 -12.54 -8.35 -23.89
N PHE B 192 -12.57 -7.81 -22.68
CA PHE B 192 -11.48 -7.03 -22.17
C PHE B 192 -11.27 -7.46 -20.72
N ILE B 193 -10.09 -7.98 -20.44
CA ILE B 193 -9.69 -8.51 -19.15
C ILE B 193 -8.42 -7.88 -18.61
N SER B 194 -8.57 -7.13 -17.54
CA SER B 194 -7.49 -6.44 -16.89
C SER B 194 -7.02 -7.22 -15.67
N ILE B 195 -5.74 -7.51 -15.57
CA ILE B 195 -5.34 -8.42 -14.50
C ILE B 195 -4.48 -7.69 -13.50
N HIS B 196 -4.80 -7.91 -12.23
CA HIS B 196 -4.13 -7.23 -11.15
C HIS B 196 -3.79 -8.28 -10.12
N SER B 197 -3.04 -7.89 -9.10
CA SER B 197 -3.06 -8.65 -7.86
C SER B 197 -2.98 -7.66 -6.71
N TYR B 198 -3.34 -8.05 -5.48
CA TYR B 198 -3.77 -9.40 -5.09
C TYR B 198 -5.17 -9.32 -4.41
N SER B 199 -5.73 -10.48 -4.09
CA SER B 199 -6.95 -10.62 -3.31
C SER B 199 -7.76 -11.84 -3.68
N GLN B 200 -7.45 -12.42 -4.85
CA GLN B 200 -8.20 -13.56 -5.37
C GLN B 200 -9.65 -13.20 -5.64
N LEU B 201 -9.83 -12.30 -6.58
CA LEU B 201 -11.18 -11.86 -6.91
C LEU B 201 -11.41 -11.86 -8.38
N LEU B 202 -12.63 -12.17 -8.79
CA LEU B 202 -12.99 -11.93 -10.20
C LEU B 202 -14.19 -10.97 -10.21
N MET B 203 -14.00 -9.82 -10.86
CA MET B 203 -15.00 -8.77 -10.79
C MET B 203 -15.44 -8.23 -12.13
N TYR B 204 -16.64 -7.67 -12.16
CA TYR B 204 -17.19 -7.06 -13.37
C TYR B 204 -17.65 -5.65 -13.01
N PRO B 205 -17.98 -4.83 -14.01
CA PRO B 205 -18.43 -3.48 -13.67
C PRO B 205 -19.69 -3.43 -12.78
N TYR B 206 -19.96 -2.29 -12.13
CA TYR B 206 -19.11 -1.10 -12.09
C TYR B 206 -18.36 -1.02 -10.77
N GLY B 207 -17.27 -0.26 -10.81
CA GLY B 207 -16.60 0.21 -9.64
C GLY B 207 -17.05 1.62 -9.27
N TYR B 208 -17.51 2.42 -10.24
CA TYR B 208 -17.85 3.82 -9.91
C TYR B 208 -19.19 4.07 -9.29
N LYS B 209 -20.15 3.15 -9.47
CA LYS B 209 -21.49 3.28 -8.89
C LYS B 209 -22.12 1.92 -8.50
N THR B 210 -23.16 1.98 -7.68
CA THR B 210 -23.82 0.78 -7.17
C THR B 210 -24.82 0.19 -8.16
N GLU B 211 -25.31 1.03 -9.07
CA GLU B 211 -26.22 0.61 -10.13
C GLU B 211 -25.63 -0.58 -10.87
N PRO B 212 -26.38 -1.68 -10.94
CA PRO B 212 -25.84 -2.86 -11.62
C PRO B 212 -25.84 -2.64 -13.11
N VAL B 213 -24.95 -3.34 -13.76
CA VAL B 213 -24.88 -3.27 -15.21
C VAL B 213 -26.05 -4.08 -15.78
N PRO B 214 -26.64 -3.65 -16.93
CA PRO B 214 -27.76 -4.45 -17.47
C PRO B 214 -27.44 -5.92 -17.75
N ASP B 215 -26.15 -6.26 -17.88
CA ASP B 215 -25.69 -7.65 -18.17
C ASP B 215 -25.23 -8.41 -16.94
N GLN B 216 -25.65 -7.95 -15.78
CA GLN B 216 -25.11 -8.46 -14.52
C GLN B 216 -25.39 -9.95 -14.37
N ASP B 217 -26.61 -10.35 -14.72
CA ASP B 217 -27.07 -11.74 -14.54
C ASP B 217 -26.12 -12.66 -15.30
N GLU B 218 -25.90 -12.36 -16.58
CA GLU B 218 -24.99 -13.14 -17.43
C GLU B 218 -23.52 -13.13 -16.95
N LEU B 219 -23.07 -11.95 -16.53
CA LEU B 219 -21.69 -11.83 -16.13
C LEU B 219 -21.46 -12.54 -14.81
N ASP B 220 -22.45 -12.54 -13.93
CA ASP B 220 -22.30 -13.26 -12.68
C ASP B 220 -22.22 -14.78 -12.87
N GLN B 221 -23.10 -15.31 -13.71
CA GLN B 221 -23.03 -16.73 -14.09
C GLN B 221 -21.70 -17.09 -14.75
N LEU B 222 -21.18 -16.22 -15.60
CA LEU B 222 -19.90 -16.53 -16.25
C LEU B 222 -18.79 -16.58 -15.20
N SER B 223 -18.87 -15.65 -14.25
CA SER B 223 -17.96 -15.50 -13.14
C SER B 223 -17.92 -16.77 -12.30
N LYS B 224 -19.10 -17.21 -11.90
CA LYS B 224 -19.32 -18.47 -11.22
C LYS B 224 -18.55 -19.58 -11.95
N ALA B 225 -18.77 -19.70 -13.26
CA ALA B 225 -18.11 -20.70 -14.08
C ALA B 225 -16.57 -20.57 -14.11
N ALA B 226 -16.11 -19.33 -14.26
CA ALA B 226 -14.68 -19.05 -14.34
C ALA B 226 -14.00 -19.35 -13.02
N VAL B 227 -14.60 -18.97 -11.88
CA VAL B 227 -13.95 -19.27 -10.62
C VAL B 227 -13.92 -20.76 -10.29
N THR B 228 -14.93 -21.52 -10.73
CA THR B 228 -14.91 -22.97 -10.59
C THR B 228 -13.81 -23.62 -11.41
N ALA B 229 -13.69 -23.19 -12.68
CA ALA B 229 -12.62 -23.60 -13.54
C ALA B 229 -11.24 -23.29 -12.88
N LEU B 230 -11.07 -22.07 -12.38
CA LEU B 230 -9.86 -21.70 -11.64
C LEU B 230 -9.57 -22.65 -10.43
N ALA B 231 -10.58 -22.86 -9.61
CA ALA B 231 -10.43 -23.60 -8.38
C ALA B 231 -10.12 -25.08 -8.65
N SER B 232 -10.40 -25.57 -9.86
CA SER B 232 -10.28 -27.01 -10.19
C SER B 232 -8.87 -27.60 -10.04
N LEU B 233 -7.85 -26.80 -10.33
CA LEU B 233 -6.46 -27.24 -10.26
C LEU B 233 -5.85 -27.33 -8.84
N TYR B 234 -5.91 -26.25 -8.07
CA TYR B 234 -5.35 -26.26 -6.73
C TYR B 234 -6.34 -26.04 -5.60
N GLY B 235 -7.60 -25.76 -5.93
CA GLY B 235 -8.59 -25.38 -4.91
C GLY B 235 -8.57 -23.91 -4.47
N THR B 236 -7.77 -23.09 -5.15
CA THR B 236 -7.71 -21.66 -4.83
C THR B 236 -9.09 -20.97 -4.91
N LYS B 237 -9.48 -20.31 -3.81
CA LYS B 237 -10.83 -19.77 -3.69
C LYS B 237 -10.89 -18.32 -4.11
N PHE B 238 -11.57 -18.04 -5.24
CA PHE B 238 -11.84 -16.67 -5.69
C PHE B 238 -13.26 -16.27 -5.30
N ASN B 239 -13.43 -15.04 -4.81
CA ASN B 239 -14.76 -14.44 -4.81
C ASN B 239 -15.00 -13.63 -6.11
N TYR B 240 -16.24 -13.20 -6.31
CA TYR B 240 -16.64 -12.51 -7.52
C TYR B 240 -17.83 -11.58 -7.24
N GLY B 241 -17.98 -10.57 -8.07
CA GLY B 241 -19.12 -9.68 -8.01
C GLY B 241 -18.70 -8.45 -8.78
N SER B 242 -19.54 -7.42 -8.71
CA SER B 242 -19.21 -6.10 -9.24
C SER B 242 -18.08 -5.54 -8.42
N ILE B 243 -17.33 -4.62 -9.01
CA ILE B 243 -16.15 -4.12 -8.39
C ILE B 243 -16.56 -3.46 -7.06
N ILE B 244 -17.60 -2.64 -7.14
CA ILE B 244 -18.00 -1.83 -6.01
C ILE B 244 -18.48 -2.70 -4.84
N LYS B 245 -19.08 -3.86 -5.15
CA LYS B 245 -19.50 -4.78 -4.05
C LYS B 245 -18.42 -5.78 -3.62
N ALA B 246 -17.47 -6.10 -4.48
CA ALA B 246 -16.54 -7.17 -4.14
C ALA B 246 -15.28 -6.62 -3.48
N ILE B 247 -15.02 -5.33 -3.74
CA ILE B 247 -13.86 -4.70 -3.10
C ILE B 247 -14.17 -3.33 -2.49
N TYR B 248 -14.42 -2.32 -3.30
CA TYR B 248 -14.80 -0.97 -2.85
C TYR B 248 -15.01 -0.13 -4.10
N GLN B 249 -15.65 1.03 -3.96
CA GLN B 249 -15.82 1.97 -5.05
C GLN B 249 -14.48 2.47 -5.59
N ALA B 250 -14.41 2.57 -6.91
CA ALA B 250 -13.22 3.10 -7.59
C ALA B 250 -13.69 3.75 -8.90
N SER B 251 -13.38 5.03 -9.05
CA SER B 251 -13.86 5.83 -10.15
C SER B 251 -12.79 5.98 -11.24
N GLY B 252 -13.21 6.25 -12.47
CA GLY B 252 -12.30 6.20 -13.63
C GLY B 252 -11.44 4.95 -13.75
N SER B 253 -11.99 3.79 -13.38
CA SER B 253 -11.28 2.49 -13.50
C SER B 253 -11.52 1.90 -14.87
N THR B 254 -10.67 0.95 -15.27
CA THR B 254 -10.59 0.42 -16.64
C THR B 254 -11.85 -0.19 -17.26
N ILE B 255 -12.38 -1.26 -16.63
CA ILE B 255 -13.42 -2.06 -17.26
C ILE B 255 -14.77 -1.33 -17.24
N ASP B 256 -14.93 -0.37 -16.34
CA ASP B 256 -16.03 0.60 -16.38
C ASP B 256 -16.10 1.30 -17.77
N TRP B 257 -14.94 1.79 -18.25
CA TRP B 257 -14.83 2.51 -19.54
C TRP B 257 -15.05 1.55 -20.73
N THR B 258 -14.33 0.42 -20.70
CA THR B 258 -14.49 -0.63 -21.71
C THR B 258 -15.95 -1.06 -21.81
N TYR B 259 -16.54 -1.56 -20.73
CA TYR B 259 -17.96 -1.87 -20.79
C TYR B 259 -18.81 -0.68 -21.29
N SER B 260 -18.43 0.56 -20.99
CA SER B 260 -19.28 1.68 -21.51
C SER B 260 -19.16 1.85 -23.06
N GLN B 261 -17.99 1.49 -23.59
CA GLN B 261 -17.74 1.43 -25.03
C GLN B 261 -18.51 0.32 -25.73
N GLY B 262 -19.03 -0.63 -24.96
CA GLY B 262 -19.90 -1.68 -25.46
C GLY B 262 -19.20 -3.02 -25.47
N ILE B 263 -18.11 -3.12 -24.71
CA ILE B 263 -17.41 -4.38 -24.54
C ILE B 263 -18.04 -5.11 -23.40
N LYS B 264 -18.92 -6.05 -23.73
CA LYS B 264 -19.83 -6.64 -22.75
C LYS B 264 -19.06 -7.48 -21.75
N TYR B 265 -18.11 -8.28 -22.24
CA TYR B 265 -17.32 -9.16 -21.39
C TYR B 265 -16.06 -8.49 -20.85
N SER B 266 -16.28 -7.49 -19.98
CA SER B 266 -15.23 -6.74 -19.30
C SER B 266 -15.06 -7.27 -17.88
N PHE B 267 -13.89 -7.83 -17.61
CA PHE B 267 -13.61 -8.41 -16.29
C PHE B 267 -12.28 -7.93 -15.75
N THR B 268 -12.09 -8.06 -14.43
CA THR B 268 -10.78 -7.84 -13.86
C THR B 268 -10.44 -9.01 -12.91
N PHE B 269 -9.20 -9.45 -12.91
CA PHE B 269 -8.79 -10.41 -11.87
C PHE B 269 -7.92 -9.74 -10.85
N GLU B 270 -8.04 -10.17 -9.60
CA GLU B 270 -7.03 -9.97 -8.60
C GLU B 270 -6.51 -11.34 -8.27
N LEU B 271 -5.25 -11.59 -8.60
CA LEU B 271 -4.69 -12.93 -8.45
C LEU B 271 -4.29 -13.23 -7.00
N ARG B 272 -3.57 -14.33 -6.79
CA ARG B 272 -3.03 -14.68 -5.48
C ARG B 272 -2.19 -13.54 -4.91
N ASP B 273 -2.08 -13.45 -3.59
CA ASP B 273 -2.74 -14.35 -2.65
C ASP B 273 -3.84 -13.54 -1.91
N THR B 274 -4.03 -13.72 -0.59
CA THR B 274 -5.03 -12.93 0.10
C THR B 274 -4.36 -11.98 1.13
N GLY B 275 -3.04 -11.74 0.96
CA GLY B 275 -2.34 -10.84 1.87
C GLY B 275 -1.16 -11.40 2.65
N ARG B 276 -1.04 -12.70 2.83
CA ARG B 276 0.18 -13.23 3.46
C ARG B 276 1.48 -12.67 2.88
N TYR B 277 1.62 -12.72 1.57
CA TYR B 277 2.77 -12.17 0.87
C TYR B 277 2.40 -10.94 0.04
N GLY B 278 1.11 -10.85 -0.29
CA GLY B 278 0.56 -9.72 -1.01
C GLY B 278 1.27 -9.60 -2.38
N PHE B 279 1.74 -8.38 -2.66
CA PHE B 279 2.50 -8.07 -3.87
C PHE B 279 3.81 -8.84 -3.98
N LEU B 280 4.34 -9.23 -2.82
CA LEU B 280 5.62 -9.91 -2.71
C LEU B 280 5.52 -11.43 -2.80
N LEU B 281 4.65 -11.94 -3.66
CA LEU B 281 4.38 -13.37 -3.76
C LEU B 281 5.60 -14.16 -4.21
N PRO B 282 5.95 -15.28 -3.54
CA PRO B 282 7.18 -15.98 -3.97
C PRO B 282 7.14 -16.36 -5.44
N ALA B 283 8.29 -16.30 -6.13
CA ALA B 283 8.43 -16.79 -7.50
C ALA B 283 7.90 -18.21 -7.68
N SER B 284 8.00 -19.05 -6.65
CA SER B 284 7.56 -20.47 -6.77
C SER B 284 6.03 -20.60 -7.01
N GLN B 285 5.32 -19.51 -6.81
CA GLN B 285 3.90 -19.47 -6.95
C GLN B 285 3.48 -18.89 -8.30
N ILE B 286 4.44 -18.40 -9.09
CA ILE B 286 4.12 -17.78 -10.43
C ILE B 286 3.45 -18.76 -11.40
N ILE B 287 4.04 -19.96 -11.51
CA ILE B 287 3.52 -20.95 -12.43
C ILE B 287 2.15 -21.53 -11.99
N PRO B 288 2.02 -21.94 -10.73
CA PRO B 288 0.69 -22.29 -10.28
C PRO B 288 -0.33 -21.14 -10.38
N THR B 289 0.08 -19.89 -10.20
CA THR B 289 -0.88 -18.76 -10.40
C THR B 289 -1.33 -18.62 -11.88
N ALA B 290 -0.35 -18.70 -12.76
CA ALA B 290 -0.59 -18.59 -14.22
C ALA B 290 -1.50 -19.73 -14.70
N LYS B 291 -1.11 -20.97 -14.37
CA LYS B 291 -1.94 -22.11 -14.77
C LYS B 291 -3.40 -22.00 -14.32
N GLU B 292 -3.64 -21.82 -13.02
CA GLU B 292 -5.03 -21.71 -12.58
C GLU B 292 -5.78 -20.57 -13.27
N THR B 293 -5.10 -19.44 -13.51
CA THR B 293 -5.74 -18.24 -14.04
C THR B 293 -6.09 -18.47 -15.49
N TRP B 294 -5.30 -19.23 -16.20
CA TRP B 294 -5.54 -19.49 -17.61
C TRP B 294 -6.91 -20.19 -17.77
N LEU B 295 -7.23 -21.03 -16.79
CA LEU B 295 -8.42 -21.85 -16.87
C LEU B 295 -9.65 -20.98 -16.79
N ALA B 296 -9.59 -19.96 -15.94
CA ALA B 296 -10.68 -18.98 -15.88
C ALA B 296 -10.70 -18.10 -17.11
N LEU B 297 -9.52 -17.65 -17.58
CA LEU B 297 -9.45 -16.97 -18.87
C LEU B 297 -10.09 -17.78 -20.01
N LEU B 298 -9.74 -19.07 -20.08
CA LEU B 298 -10.34 -20.01 -21.05
C LEU B 298 -11.88 -20.00 -21.04
N THR B 299 -12.48 -20.02 -19.84
CA THR B 299 -13.93 -19.98 -19.67
C THR B 299 -14.52 -18.72 -20.24
N ILE B 300 -13.87 -17.60 -19.94
CA ILE B 300 -14.39 -16.34 -20.41
C ILE B 300 -14.25 -16.32 -21.92
N MET B 301 -13.08 -16.72 -22.40
CA MET B 301 -12.83 -16.79 -23.86
C MET B 301 -13.80 -17.71 -24.61
N GLU B 302 -14.01 -18.94 -24.13
CA GLU B 302 -14.97 -19.84 -24.83
C GLU B 302 -16.34 -19.19 -24.86
N HIS B 303 -16.77 -18.66 -23.74
CA HIS B 303 -18.09 -18.11 -23.65
C HIS B 303 -18.24 -16.96 -24.65
N THR B 304 -17.19 -16.13 -24.78
CA THR B 304 -17.17 -15.01 -25.74
C THR B 304 -17.31 -15.56 -27.17
N LEU B 305 -16.66 -16.68 -27.43
CA LEU B 305 -16.69 -17.28 -28.77
C LEU B 305 -18.11 -17.74 -29.05
N ASN B 306 -18.76 -18.38 -28.08
CA ASN B 306 -20.08 -18.93 -28.29
C ASN B 306 -21.18 -17.93 -28.25
N HIS B 307 -20.87 -16.66 -28.11
CA HIS B 307 -21.91 -15.61 -28.01
C HIS B 307 -21.53 -14.42 -28.90
N PRO B 308 -21.39 -14.65 -30.24
CA PRO B 308 -20.92 -13.64 -31.20
C PRO B 308 -21.69 -12.31 -31.09
C28 LA9 C . -0.36 2.75 0.89
O30 LA9 C . -0.15 1.82 0.08
C29 LA9 C . 0.46 4.04 0.86
N27 LA9 C . -1.35 2.66 1.82
C22 LA9 C . -1.63 3.70 2.78
C20 LA9 C . -0.58 3.79 3.86
O21 LA9 C . 0.05 2.80 4.23
C23 LA9 C . -3.03 3.50 3.37
C24 LA9 C . -4.14 3.53 2.30
C25 LA9 C . -4.08 4.73 1.35
C26 LA9 C . -5.53 3.47 2.92
N19 LA9 C . -0.38 5.02 4.33
C17 LA9 C . 0.56 5.39 5.37
C18 LA9 C . 1.30 6.66 4.94
P14 LA9 C . -0.37 5.60 6.92
O16 LA9 C . 0.63 5.89 8.13
C13 LA9 C . -1.51 7.03 6.91
C04 LA9 C . -2.49 6.96 8.11
C05 LA9 C . -3.47 8.14 8.09
C06 LA9 C . -3.04 9.34 8.93
C07 LA9 C . -2.93 9.14 10.45
C08 LA9 C . -1.69 8.84 11.03
C09 LA9 C . -1.53 8.66 12.39
C10 LA9 C . -2.63 8.81 13.22
C11 LA9 C . -3.88 9.11 12.66
C12 LA9 C . -4.04 9.28 11.28
C02 LA9 C . -3.40 5.76 8.03
O01 LA9 C . -3.61 5.10 9.08
O03 LA9 C . -3.97 5.46 6.95
O15 LA9 C . -1.19 4.46 7.22
ZN ZN D . 1.16 4.32 9.36
C28 LA9 E . -3.09 -2.53 -0.63
O30 LA9 E . -2.08 -2.72 0.04
C29 LA9 E . -4.30 -3.44 -0.50
N27 LA9 E . -3.15 -1.47 -1.45
C22 LA9 E . -4.29 -1.25 -2.30
C20 LA9 E . -3.91 -1.96 -3.58
O21 LA9 E . -2.83 -1.73 -4.13
C23 LA9 E . -4.59 0.22 -2.56
C24 LA9 E . -5.92 0.61 -1.94
C25 LA9 E . -5.98 0.28 -0.45
C26 LA9 E . -6.24 2.08 -2.20
N19 LA9 E . -4.81 -2.82 -3.99
C17 LA9 E . -4.57 -3.58 -5.17
C18 LA9 E . -5.09 -5.01 -4.95
P14 LA9 E . -5.48 -2.84 -6.54
O16 LA9 E . -5.17 -3.87 -7.72
C13 LA9 E . -7.26 -2.89 -6.29
C04 LA9 E . -7.97 -2.18 -7.43
C05 LA9 E . -9.46 -2.49 -7.23
C06 LA9 E . -10.51 -1.94 -8.21
C07 LA9 E . -10.31 -2.37 -9.65
C08 LA9 E . -9.37 -3.34 -10.00
C09 LA9 E . -9.18 -3.71 -11.33
C10 LA9 E . -9.94 -3.11 -12.34
C11 LA9 E . -10.88 -2.14 -12.00
C12 LA9 E . -11.06 -1.77 -10.66
C02 LA9 E . -7.65 -0.70 -7.42
O01 LA9 E . -7.36 -0.14 -8.52
O03 LA9 E . -7.63 -0.05 -6.34
O15 LA9 E . -5.08 -1.45 -6.85
ZN ZN F . -3.91 -3.27 -9.21
#